data_2F68
#
_entry.id   2F68
#
_cell.length_a   41.982
_cell.length_b   106.427
_cell.length_c   44.083
_cell.angle_alpha   90.00
_cell.angle_beta   116.44
_cell.angle_gamma   90.00
#
_symmetry.space_group_name_H-M   'P 1 21 1'
#
loop_
_entity.id
_entity.type
_entity.pdbx_description
1 polymer 'Collagen adhesin'
2 water water
#
_entity_poly.entity_id   1
_entity_poly.type   'polypeptide(L)'
_entity_poly.pdbx_seq_one_letter_code
;HHHHHHGSARDISSTNVTDLTVSPSKIEDGGKTTVKMTFDDKNGKIQNGDMIKVAWPTSGTVKIEGYSKTVPLTVKGEQV
GQAVITPDGATITFNDKVEKLSDVSGFAEFEVQGRNLTQTNTSDDKVATITSGNKSTNVTVHKSEAGTSSVFYYKTGDML
PEDTTHVRWFLNINNEKSYVSKDITIKDQIQGGQQLDLSTLNINVTGTHSNYYSGQSAITDFEKAFPGSKITVDNTKNTI
DVTIPQGYGSYNSFSINYKTKITNEQQKEFVNNSQAWYQEHGKEEVNGKSFNHTVHNINANAGIEGTVKGELK
;
_entity_poly.pdbx_strand_id   X
#
# COMPACT_ATOMS: atom_id res chain seq x y z
N HIS A 6 -15.82 4.73 32.42
CA HIS A 6 -14.88 4.00 31.53
C HIS A 6 -13.68 3.48 32.31
N GLY A 7 -12.68 4.35 32.49
CA GLY A 7 -11.43 3.98 33.18
C GLY A 7 -10.43 3.31 32.26
N SER A 8 -9.97 2.14 32.67
CA SER A 8 -9.02 1.35 31.88
C SER A 8 -9.75 0.43 30.91
N ALA A 9 -9.16 0.23 29.73
CA ALA A 9 -9.73 -0.62 28.70
C ALA A 9 -9.57 -2.10 29.05
N ARG A 10 -10.66 -2.85 28.95
CA ARG A 10 -10.66 -4.27 29.27
C ARG A 10 -10.40 -5.12 28.03
N ASP A 11 -9.30 -5.87 28.05
CA ASP A 11 -8.95 -6.77 26.95
C ASP A 11 -9.81 -8.02 27.02
N ILE A 12 -10.73 -8.14 26.06
CA ILE A 12 -11.69 -9.24 26.04
C ILE A 12 -11.44 -10.23 24.89
N SER A 13 -10.22 -10.19 24.34
CA SER A 13 -9.84 -11.03 23.21
C SER A 13 -9.79 -12.52 23.56
N SER A 14 -9.29 -12.84 24.76
CA SER A 14 -9.17 -14.22 25.21
C SER A 14 -10.51 -14.88 25.50
N THR A 15 -11.51 -14.06 25.82
CA THR A 15 -12.83 -14.56 26.19
C THR A 15 -13.85 -14.54 25.05
N ASN A 16 -13.82 -13.48 24.24
CA ASN A 16 -14.88 -13.25 23.24
C ASN A 16 -14.60 -13.68 21.80
N VAL A 17 -13.32 -13.72 21.41
CA VAL A 17 -12.94 -14.12 20.06
C VAL A 17 -13.24 -15.59 19.82
N THR A 18 -13.91 -15.88 18.70
CA THR A 18 -14.36 -17.24 18.38
C THR A 18 -13.61 -17.86 17.20
N ASP A 19 -13.23 -17.04 16.22
CA ASP A 19 -12.52 -17.52 15.04
C ASP A 19 -11.60 -16.46 14.44
N LEU A 20 -10.41 -16.90 14.01
CA LEU A 20 -9.45 -16.03 13.33
C LEU A 20 -8.88 -16.75 12.11
N THR A 21 -9.20 -16.23 10.92
CA THR A 21 -8.77 -16.84 9.66
C THR A 21 -8.09 -15.82 8.74
N VAL A 22 -7.02 -16.26 8.07
CA VAL A 22 -6.33 -15.44 7.08
C VAL A 22 -6.31 -16.16 5.73
N SER A 23 -6.91 -15.52 4.73
CA SER A 23 -6.97 -16.05 3.37
C SER A 23 -6.53 -15.01 2.35
N PRO A 24 -5.61 -15.37 1.43
CA PRO A 24 -4.96 -16.68 1.30
C PRO A 24 -3.87 -16.91 2.34
N SER A 25 -3.58 -18.19 2.61
CA SER A 25 -2.58 -18.58 3.60
C SER A 25 -1.16 -18.59 3.04
N LYS A 26 -1.04 -18.57 1.72
CA LYS A 26 0.26 -18.54 1.05
C LYS A 26 0.39 -17.34 0.14
N ILE A 27 1.33 -16.45 0.46
CA ILE A 27 1.56 -15.22 -0.29
C ILE A 27 3.04 -15.01 -0.64
N GLU A 28 3.28 -14.17 -1.64
CA GLU A 28 4.64 -13.81 -2.06
C GLU A 28 5.16 -12.65 -1.22
N ASP A 29 6.43 -12.29 -1.41
CA ASP A 29 7.05 -11.16 -0.70
C ASP A 29 6.43 -9.84 -1.15
N GLY A 30 5.84 -9.12 -0.19
CA GLY A 30 5.14 -7.88 -0.46
C GLY A 30 3.73 -8.11 -0.96
N GLY A 31 3.21 -9.31 -0.71
CA GLY A 31 1.86 -9.69 -1.14
C GLY A 31 0.79 -9.31 -0.15
N LYS A 32 -0.46 -9.27 -0.62
CA LYS A 32 -1.61 -8.89 0.21
C LYS A 32 -2.44 -10.10 0.59
N THR A 33 -2.91 -10.12 1.85
CA THR A 33 -3.80 -11.16 2.35
C THR A 33 -4.81 -10.60 3.35
N THR A 34 -5.99 -11.23 3.41
CA THR A 34 -7.10 -10.72 4.22
C THR A 34 -7.25 -11.48 5.54
N VAL A 35 -7.33 -10.74 6.64
CA VAL A 35 -7.49 -11.30 7.98
C VAL A 35 -8.92 -11.07 8.47
N LYS A 36 -9.56 -12.13 8.96
CA LYS A 36 -10.92 -12.03 9.49
C LYS A 36 -10.98 -12.50 10.95
N MET A 37 -11.54 -11.66 11.81
CA MET A 37 -11.68 -11.96 13.24
C MET A 37 -13.15 -11.86 13.63
N THR A 38 -13.68 -12.96 14.19
CA THR A 38 -15.08 -13.00 14.62
C THR A 38 -15.20 -13.08 16.15
N PHE A 39 -16.30 -12.56 16.69
CA PHE A 39 -16.53 -12.53 18.13
C PHE A 39 -18.01 -12.64 18.49
N ASP A 40 -18.28 -13.15 19.70
CA ASP A 40 -19.62 -13.13 20.29
C ASP A 40 -19.57 -12.98 21.82
N ASP A 41 -20.72 -12.71 22.43
CA ASP A 41 -20.78 -12.52 23.89
C ASP A 41 -21.24 -13.77 24.64
N LYS A 42 -20.88 -14.95 24.11
CA LYS A 42 -21.25 -16.23 24.71
C LYS A 42 -20.55 -16.46 26.04
N ASN A 43 -19.25 -16.16 26.09
CA ASN A 43 -18.45 -16.37 27.29
C ASN A 43 -18.46 -15.19 28.26
N GLY A 44 -18.90 -14.03 27.79
CA GLY A 44 -18.99 -12.82 28.62
C GLY A 44 -19.61 -11.63 27.91
N LYS A 45 -20.43 -10.88 28.64
CA LYS A 45 -21.12 -9.71 28.11
C LYS A 45 -20.15 -8.60 27.74
N ILE A 46 -20.28 -8.07 26.53
CA ILE A 46 -19.44 -7.00 26.02
C ILE A 46 -19.86 -5.66 26.65
N GLN A 47 -18.90 -4.99 27.29
CA GLN A 47 -19.16 -3.76 28.02
C GLN A 47 -18.53 -2.54 27.35
N ASN A 48 -18.78 -1.36 27.92
CA ASN A 48 -18.18 -0.11 27.45
C ASN A 48 -16.68 -0.05 27.78
N GLY A 49 -15.88 0.21 26.76
CA GLY A 49 -14.43 0.30 26.91
C GLY A 49 -13.68 -0.99 26.64
N ASP A 50 -14.44 -2.05 26.34
CA ASP A 50 -13.85 -3.35 26.01
C ASP A 50 -13.15 -3.33 24.66
N MET A 51 -11.98 -3.95 24.59
CA MET A 51 -11.20 -3.99 23.35
C MET A 51 -10.71 -5.38 22.95
N ILE A 52 -10.76 -5.65 21.64
CA ILE A 52 -10.26 -6.89 21.07
C ILE A 52 -9.03 -6.58 20.22
N LYS A 53 -7.92 -7.24 20.53
CA LYS A 53 -6.65 -7.00 19.85
C LYS A 53 -6.27 -8.12 18.87
N VAL A 54 -5.79 -7.73 17.70
CA VAL A 54 -5.26 -8.67 16.71
C VAL A 54 -3.76 -8.38 16.52
N ALA A 55 -2.93 -9.33 16.92
CA ALA A 55 -1.48 -9.14 16.92
C ALA A 55 -0.77 -10.00 15.87
N TRP A 56 0.37 -9.48 15.39
CA TRP A 56 1.19 -10.15 14.39
C TRP A 56 2.66 -9.72 14.50
N PRO A 57 3.60 -10.54 13.98
CA PRO A 57 5.02 -10.17 14.01
C PRO A 57 5.31 -8.88 13.24
N THR A 58 6.06 -7.97 13.87
CA THR A 58 6.41 -6.68 13.28
C THR A 58 7.89 -6.60 12.91
N SER A 59 8.67 -7.54 13.43
CA SER A 59 10.11 -7.60 13.19
C SER A 59 10.64 -9.03 13.30
N GLY A 60 11.81 -9.27 12.70
CA GLY A 60 12.46 -10.58 12.74
C GLY A 60 12.71 -11.14 11.36
N THR A 61 12.18 -12.35 11.13
CA THR A 61 12.29 -13.01 9.82
C THR A 61 11.14 -12.63 8.91
N VAL A 62 9.94 -12.52 9.48
CA VAL A 62 8.75 -12.11 8.75
C VAL A 62 8.08 -10.88 9.35
N LYS A 63 7.53 -10.02 8.50
CA LYS A 63 6.89 -8.80 8.94
C LYS A 63 5.48 -8.67 8.33
N ILE A 64 4.49 -8.46 9.20
CA ILE A 64 3.12 -8.23 8.78
C ILE A 64 2.74 -6.78 9.02
N GLU A 65 2.26 -6.11 7.97
CA GLU A 65 1.90 -4.70 8.04
C GLU A 65 0.43 -4.49 7.71
N GLY A 66 -0.34 -4.06 8.71
CA GLY A 66 -1.77 -3.80 8.54
C GLY A 66 -2.02 -2.46 7.87
N TYR A 67 -2.75 -2.48 6.77
CA TYR A 67 -3.10 -1.26 6.05
C TYR A 67 -4.03 -0.38 6.87
N SER A 68 -3.64 0.87 7.07
CA SER A 68 -4.34 1.81 7.95
C SER A 68 -5.79 2.08 7.53
N LYS A 69 -6.73 1.55 8.31
CA LYS A 69 -8.16 1.73 8.05
C LYS A 69 -8.96 1.91 9.34
N THR A 70 -10.03 2.68 9.27
CA THR A 70 -10.94 2.88 10.39
C THR A 70 -12.38 2.59 9.96
N VAL A 71 -12.91 1.45 10.41
CA VAL A 71 -14.24 1.00 10.03
C VAL A 71 -15.17 0.94 11.25
N PRO A 72 -16.30 1.67 11.20
CA PRO A 72 -17.24 1.68 12.33
C PRO A 72 -18.09 0.41 12.43
N LEU A 73 -18.44 0.05 13.66
CA LEU A 73 -19.34 -1.07 13.93
C LEU A 73 -20.73 -0.52 14.23
N THR A 74 -21.69 -0.81 13.35
CA THR A 74 -23.01 -0.20 13.43
C THR A 74 -24.16 -1.20 13.58
N VAL A 75 -25.10 -0.86 14.46
CA VAL A 75 -26.35 -1.60 14.61
C VAL A 75 -27.53 -0.64 14.46
N LYS A 76 -28.33 -0.87 13.41
CA LYS A 76 -29.51 -0.05 13.09
C LYS A 76 -29.18 1.45 13.01
N GLY A 77 -28.09 1.77 12.32
CA GLY A 77 -27.66 3.15 12.12
C GLY A 77 -26.85 3.75 13.26
N GLU A 78 -26.82 3.05 14.39
CA GLU A 78 -26.12 3.53 15.58
C GLU A 78 -24.74 2.86 15.72
N GLN A 79 -23.69 3.68 15.80
CA GLN A 79 -22.33 3.19 15.96
C GLN A 79 -22.09 2.70 17.38
N VAL A 80 -21.78 1.41 17.51
CA VAL A 80 -21.58 0.78 18.82
C VAL A 80 -20.11 0.41 19.07
N GLY A 81 -19.32 0.41 18.01
CA GLY A 81 -17.89 0.09 18.09
C GLY A 81 -17.08 0.67 16.96
N GLN A 82 -15.77 0.42 16.99
CA GLN A 82 -14.85 0.92 15.96
C GLN A 82 -13.69 -0.03 15.72
N ALA A 83 -13.39 -0.26 14.44
CA ALA A 83 -12.26 -1.10 14.03
C ALA A 83 -11.10 -0.24 13.53
N VAL A 84 -10.04 -0.17 14.33
CA VAL A 84 -8.86 0.60 13.98
C VAL A 84 -7.69 -0.31 13.63
N ILE A 85 -7.29 -0.28 12.36
CA ILE A 85 -6.19 -1.11 11.87
C ILE A 85 -4.94 -0.24 11.65
N THR A 86 -3.83 -0.66 12.26
CA THR A 86 -2.55 0.02 12.12
C THR A 86 -1.46 -0.97 11.66
N PRO A 87 -0.36 -0.46 11.07
CA PRO A 87 0.74 -1.30 10.59
C PRO A 87 1.33 -2.28 11.62
N ASP A 88 1.03 -2.08 12.90
CA ASP A 88 1.58 -2.91 13.97
C ASP A 88 0.52 -3.65 14.78
N GLY A 89 -0.75 -3.31 14.58
CA GLY A 89 -1.84 -3.96 15.30
C GLY A 89 -3.23 -3.54 14.88
N ALA A 90 -4.24 -4.34 15.24
CA ALA A 90 -5.63 -4.04 14.98
C ALA A 90 -6.44 -4.10 16.28
N THR A 91 -7.22 -3.06 16.53
CA THR A 91 -7.97 -2.95 17.79
C THR A 91 -9.46 -2.68 17.57
N ILE A 92 -10.29 -3.48 18.22
CA ILE A 92 -11.74 -3.32 18.19
C ILE A 92 -12.21 -2.75 19.52
N THR A 93 -12.64 -1.49 19.51
CA THR A 93 -13.06 -0.80 20.73
C THR A 93 -14.57 -0.56 20.74
N PHE A 94 -15.22 -0.97 21.82
CA PHE A 94 -16.66 -0.80 21.99
C PHE A 94 -16.99 0.38 22.90
N ASN A 95 -18.03 1.13 22.54
CA ASN A 95 -18.48 2.26 23.35
C ASN A 95 -19.69 1.91 24.23
N ASP A 96 -20.36 2.93 24.77
CA ASP A 96 -21.48 2.74 25.70
C ASP A 96 -22.76 2.19 25.04
N LYS A 97 -22.84 2.31 23.72
CA LYS A 97 -24.02 1.90 22.96
C LYS A 97 -24.13 0.39 22.77
N VAL A 98 -23.08 -0.34 23.14
CA VAL A 98 -23.05 -1.80 23.02
C VAL A 98 -23.69 -2.49 24.23
N GLU A 99 -23.86 -1.74 25.32
CA GLU A 99 -24.41 -2.27 26.58
C GLU A 99 -25.92 -2.51 26.51
N LYS A 100 -26.60 -1.81 25.59
CA LYS A 100 -28.04 -1.99 25.40
C LYS A 100 -28.37 -3.21 24.53
N LEU A 101 -27.34 -3.78 23.90
CA LEU A 101 -27.51 -4.91 22.99
C LEU A 101 -27.25 -6.25 23.68
N SER A 102 -28.11 -7.23 23.38
CA SER A 102 -27.96 -8.59 23.87
C SER A 102 -27.79 -9.54 22.68
N ASP A 103 -27.22 -10.72 22.95
CA ASP A 103 -26.91 -11.72 21.92
C ASP A 103 -26.00 -11.12 20.83
N VAL A 104 -24.93 -10.45 21.28
CA VAL A 104 -24.05 -9.70 20.40
C VAL A 104 -23.05 -10.60 19.68
N SER A 105 -22.97 -10.44 18.36
CA SER A 105 -22.00 -11.15 17.53
C SER A 105 -21.53 -10.25 16.38
N GLY A 106 -20.27 -10.38 16.00
CA GLY A 106 -19.70 -9.56 14.93
C GLY A 106 -18.40 -10.05 14.35
N PHE A 107 -17.86 -9.30 13.39
CA PHE A 107 -16.61 -9.64 12.71
C PHE A 107 -15.78 -8.41 12.32
N ALA A 108 -14.51 -8.65 12.00
CA ALA A 108 -13.60 -7.60 11.54
C ALA A 108 -12.72 -8.14 10.41
N GLU A 109 -12.98 -7.68 9.20
CA GLU A 109 -12.25 -8.12 8.01
C GLU A 109 -11.38 -6.98 7.47
N PHE A 110 -10.08 -7.25 7.34
CA PHE A 110 -9.11 -6.25 6.88
C PHE A 110 -7.93 -6.89 6.15
N GLU A 111 -7.28 -6.11 5.28
CA GLU A 111 -6.15 -6.59 4.49
C GLU A 111 -4.80 -6.19 5.11
N VAL A 112 -3.83 -7.11 5.02
CA VAL A 112 -2.48 -6.87 5.53
C VAL A 112 -1.42 -7.20 4.47
N GLN A 113 -0.20 -6.69 4.67
CA GLN A 113 0.91 -6.96 3.76
C GLN A 113 1.97 -7.83 4.45
N GLY A 114 2.38 -8.89 3.77
CA GLY A 114 3.38 -9.83 4.29
C GLY A 114 4.75 -9.64 3.66
N ARG A 115 5.77 -9.61 4.50
CA ARG A 115 7.15 -9.40 4.04
C ARG A 115 8.10 -10.46 4.59
N ASN A 116 9.01 -10.93 3.74
CA ASN A 116 10.09 -11.83 4.15
C ASN A 116 11.38 -11.02 4.28
N LEU A 117 11.72 -10.67 5.52
CA LEU A 117 12.85 -9.78 5.79
C LEU A 117 14.22 -10.45 5.60
N THR A 118 14.34 -11.68 6.09
CA THR A 118 15.61 -12.41 6.02
C THR A 118 15.85 -13.08 4.66
N GLN A 119 14.81 -13.13 3.84
CA GLN A 119 14.83 -13.77 2.51
C GLN A 119 15.31 -15.23 2.62
N THR A 120 14.44 -16.07 3.15
CA THR A 120 14.80 -17.45 3.50
C THR A 120 13.80 -18.50 3.00
N ASN A 121 14.25 -19.76 2.98
CA ASN A 121 13.41 -20.89 2.57
C ASN A 121 13.39 -21.99 3.64
N THR A 122 13.60 -21.62 4.90
CA THR A 122 13.75 -22.58 5.98
C THR A 122 12.41 -22.91 6.69
N SER A 123 11.33 -22.88 5.91
CA SER A 123 9.99 -23.31 6.35
C SER A 123 9.41 -22.55 7.56
N ASP A 124 10.00 -22.75 8.74
CA ASP A 124 9.52 -22.15 9.97
C ASP A 124 9.72 -20.63 10.06
N ASP A 125 10.77 -20.15 9.41
CA ASP A 125 11.11 -18.72 9.43
C ASP A 125 10.20 -17.89 8.53
N LYS A 126 9.69 -18.49 7.46
CA LYS A 126 8.83 -17.79 6.52
C LYS A 126 7.35 -17.79 6.92
N VAL A 127 7.04 -18.41 8.06
CA VAL A 127 5.67 -18.47 8.58
C VAL A 127 5.42 -17.35 9.59
N ALA A 128 4.38 -16.56 9.33
CA ALA A 128 3.97 -15.50 10.23
C ALA A 128 2.69 -15.89 10.97
N THR A 129 2.75 -15.83 12.30
CA THR A 129 1.62 -16.24 13.15
C THR A 129 0.82 -15.02 13.63
N ILE A 130 -0.40 -14.90 13.13
CA ILE A 130 -1.31 -13.84 13.56
C ILE A 130 -2.22 -14.38 14.67
N THR A 131 -2.25 -13.67 15.79
CA THR A 131 -2.98 -14.11 16.98
C THR A 131 -4.04 -13.11 17.42
N SER A 132 -5.16 -13.63 17.94
CA SER A 132 -6.22 -12.81 18.53
C SER A 132 -6.88 -13.59 19.67
N GLY A 133 -6.43 -13.32 20.89
CA GLY A 133 -6.91 -14.03 22.08
C GLY A 133 -6.33 -15.42 22.18
N ASN A 134 -7.22 -16.42 22.14
CA ASN A 134 -6.81 -17.82 22.17
C ASN A 134 -6.66 -18.42 20.77
N LYS A 135 -7.06 -17.66 19.75
CA LYS A 135 -7.05 -18.14 18.37
C LYS A 135 -5.80 -17.68 17.62
N SER A 136 -5.26 -18.59 16.80
CA SER A 136 -4.05 -18.31 16.02
C SER A 136 -4.11 -18.94 14.63
N THR A 137 -3.54 -18.26 13.66
CA THR A 137 -3.49 -18.73 12.27
C THR A 137 -2.18 -18.33 11.58
N ASN A 138 -1.76 -19.15 10.62
CA ASN A 138 -0.46 -18.99 9.98
C ASN A 138 -0.52 -18.47 8.54
N VAL A 139 0.45 -17.64 8.19
CA VAL A 139 0.60 -17.11 6.84
C VAL A 139 2.01 -17.39 6.32
N THR A 140 2.10 -18.05 5.17
CA THR A 140 3.38 -18.40 4.56
C THR A 140 3.81 -17.31 3.57
N VAL A 141 4.93 -16.67 3.85
CA VAL A 141 5.46 -15.59 2.99
C VAL A 141 6.75 -16.05 2.30
N HIS A 142 6.65 -16.31 1.00
CA HIS A 142 7.79 -16.74 0.19
C HIS A 142 8.74 -15.58 -0.07
N LYS A 143 10.03 -15.90 -0.18
CA LYS A 143 11.07 -14.87 -0.38
C LYS A 143 11.04 -14.28 -1.80
N SER A 144 11.64 -13.10 -1.95
CA SER A 144 11.71 -12.41 -3.24
C SER A 144 12.75 -13.06 -4.15
N SER A 149 16.82 -10.04 -15.16
CA SER A 149 17.24 -8.70 -15.55
C SER A 149 16.03 -7.83 -15.91
N SER A 150 16.11 -6.56 -15.55
CA SER A 150 15.03 -5.60 -15.80
C SER A 150 15.04 -5.09 -17.24
N VAL A 151 13.88 -4.65 -17.70
CA VAL A 151 13.75 -4.00 -19.02
C VAL A 151 14.23 -2.55 -18.95
N PHE A 152 14.26 -1.88 -20.11
CA PHE A 152 14.67 -0.48 -20.18
C PHE A 152 13.78 0.40 -19.32
N TYR A 153 12.48 0.41 -19.65
CA TYR A 153 11.50 1.22 -18.93
C TYR A 153 10.27 0.42 -18.55
N TYR A 154 9.92 0.49 -17.26
CA TYR A 154 8.68 -0.08 -16.74
C TYR A 154 8.11 0.82 -15.65
N LYS A 155 6.79 0.77 -15.47
CA LYS A 155 6.12 1.60 -14.48
C LYS A 155 5.40 0.75 -13.44
N THR A 156 5.59 1.08 -12.18
CA THR A 156 4.99 0.35 -11.05
C THR A 156 4.52 1.29 -9.94
N GLY A 157 3.72 0.75 -9.02
CA GLY A 157 3.22 1.52 -7.88
C GLY A 157 2.62 0.66 -6.79
N ASP A 158 2.50 1.23 -5.59
CA ASP A 158 1.92 0.55 -4.44
C ASP A 158 1.30 1.51 -3.44
N MET A 159 0.60 0.96 -2.45
CA MET A 159 0.01 1.74 -1.36
C MET A 159 0.68 1.38 -0.04
N LEU A 160 1.13 2.40 0.68
CA LEU A 160 1.80 2.21 1.97
C LEU A 160 0.82 1.81 3.09
N PRO A 161 1.22 0.83 3.92
CA PRO A 161 0.42 0.38 5.08
C PRO A 161 0.18 1.49 6.11
N GLU A 162 1.10 2.44 6.21
CA GLU A 162 0.96 3.56 7.14
C GLU A 162 0.08 4.69 6.58
N ASP A 163 -0.01 4.79 5.26
CA ASP A 163 -0.79 5.84 4.61
C ASP A 163 -1.62 5.30 3.44
N THR A 164 -2.92 5.14 3.68
CA THR A 164 -3.85 4.60 2.68
C THR A 164 -4.42 5.68 1.76
N THR A 165 -4.25 6.95 2.14
CA THR A 165 -4.82 8.07 1.41
C THR A 165 -4.03 8.44 0.14
N HIS A 166 -2.80 7.91 0.05
CA HIS A 166 -1.93 8.18 -1.09
C HIS A 166 -1.55 6.92 -1.86
N VAL A 167 -1.38 7.06 -3.17
CA VAL A 167 -0.90 5.96 -4.01
C VAL A 167 0.46 6.34 -4.61
N ARG A 168 1.47 5.56 -4.29
CA ARG A 168 2.83 5.78 -4.80
C ARG A 168 2.93 5.34 -6.25
N TRP A 169 3.79 6.02 -7.01
CA TRP A 169 4.05 5.66 -8.41
C TRP A 169 5.55 5.77 -8.71
N PHE A 170 6.04 4.85 -9.54
CA PHE A 170 7.46 4.80 -9.87
C PHE A 170 7.69 4.71 -11.39
N LEU A 171 8.44 5.68 -11.91
CA LEU A 171 8.84 5.68 -13.32
C LEU A 171 10.32 5.33 -13.44
N ASN A 172 10.57 4.04 -13.68
CA ASN A 172 11.94 3.51 -13.76
C ASN A 172 12.48 3.49 -15.19
N ILE A 173 13.30 4.49 -15.51
CA ILE A 173 13.82 4.68 -16.87
C ILE A 173 15.29 4.25 -16.96
N ASN A 174 15.62 3.53 -18.04
CA ASN A 174 16.98 3.04 -18.32
C ASN A 174 17.61 2.32 -17.12
N ASN A 175 16.99 1.23 -16.72
CA ASN A 175 17.36 0.48 -15.51
C ASN A 175 18.74 -0.18 -15.55
N GLU A 176 19.21 -0.51 -16.76
CA GLU A 176 20.51 -1.18 -16.93
C GLU A 176 21.63 -0.22 -17.30
N LYS A 177 21.32 1.08 -17.29
CA LYS A 177 22.29 2.15 -17.59
C LYS A 177 22.98 1.97 -18.95
N SER A 178 22.18 1.64 -19.96
CA SER A 178 22.70 1.41 -21.31
C SER A 178 22.79 2.69 -22.13
N TYR A 179 23.65 2.69 -23.13
CA TYR A 179 23.80 3.81 -24.05
C TYR A 179 22.56 3.96 -24.92
N VAL A 180 22.12 5.20 -25.11
CA VAL A 180 20.93 5.49 -25.90
C VAL A 180 21.27 6.36 -27.12
N SER A 181 20.67 6.02 -28.26
CA SER A 181 20.96 6.70 -29.53
C SER A 181 20.10 7.95 -29.76
N LYS A 182 18.97 8.03 -29.06
CA LYS A 182 18.05 9.16 -29.18
C LYS A 182 17.56 9.67 -27.83
N ASP A 183 16.81 10.78 -27.85
CA ASP A 183 16.26 11.37 -26.63
C ASP A 183 15.11 10.56 -26.06
N ILE A 184 15.16 10.31 -24.76
CA ILE A 184 14.12 9.53 -24.07
C ILE A 184 12.91 10.42 -23.78
N THR A 185 11.74 9.98 -24.24
CA THR A 185 10.50 10.72 -24.05
C THR A 185 9.45 9.85 -23.36
N ILE A 186 8.99 10.30 -22.20
CA ILE A 186 7.96 9.61 -21.43
C ILE A 186 6.73 10.51 -21.26
N LYS A 187 5.59 10.02 -21.72
CA LYS A 187 4.33 10.76 -21.58
C LYS A 187 3.37 10.04 -20.63
N ASP A 188 3.34 10.51 -19.38
CA ASP A 188 2.54 9.88 -18.33
C ASP A 188 1.18 10.57 -18.17
N GLN A 189 0.14 9.76 -17.96
CA GLN A 189 -1.21 10.25 -17.70
C GLN A 189 -1.80 9.56 -16.48
N ILE A 190 -2.15 10.35 -15.47
CA ILE A 190 -2.76 9.83 -14.25
C ILE A 190 -4.28 9.87 -14.37
N GLN A 191 -4.91 8.72 -14.21
CA GLN A 191 -6.36 8.57 -14.42
C GLN A 191 -7.17 9.14 -13.25
N GLY A 192 -8.50 9.12 -13.40
CA GLY A 192 -9.42 9.70 -12.42
C GLY A 192 -9.47 8.97 -11.08
N GLY A 193 -9.98 9.66 -10.07
CA GLY A 193 -10.09 9.12 -8.72
C GLY A 193 -8.91 9.47 -7.83
N GLN A 194 -7.96 10.22 -8.39
CA GLN A 194 -6.74 10.62 -7.68
C GLN A 194 -6.18 11.95 -8.20
N GLN A 195 -5.53 12.69 -7.32
CA GLN A 195 -4.91 13.97 -7.66
C GLN A 195 -3.43 13.99 -7.32
N LEU A 196 -2.62 14.38 -8.29
CA LEU A 196 -1.16 14.42 -8.16
C LEU A 196 -0.69 15.48 -7.16
N ASP A 197 0.17 15.06 -6.23
CA ASP A 197 0.84 15.97 -5.31
C ASP A 197 2.22 16.30 -5.87
N LEU A 198 2.39 17.54 -6.31
CA LEU A 198 3.61 18.01 -6.98
C LEU A 198 4.82 18.06 -6.05
N SER A 199 4.57 18.32 -4.77
CA SER A 199 5.62 18.44 -3.77
C SER A 199 6.29 17.10 -3.42
N THR A 200 5.61 16.00 -3.76
CA THR A 200 6.12 14.65 -3.45
C THR A 200 6.73 13.98 -4.68
N LEU A 201 7.30 14.78 -5.58
CA LEU A 201 7.86 14.26 -6.83
C LEU A 201 9.15 13.45 -6.59
N ASN A 202 10.29 14.14 -6.52
CA ASN A 202 11.63 13.55 -6.35
C ASN A 202 12.12 12.60 -7.46
N ILE A 203 13.36 12.79 -7.89
CA ILE A 203 13.99 11.98 -8.93
C ILE A 203 15.30 11.38 -8.41
N ASN A 204 15.46 10.07 -8.59
CA ASN A 204 16.70 9.39 -8.23
C ASN A 204 17.50 8.99 -9.47
N VAL A 205 18.71 9.54 -9.59
CA VAL A 205 19.59 9.24 -10.72
C VAL A 205 20.80 8.44 -10.24
N THR A 206 21.07 7.32 -10.91
CA THR A 206 22.22 6.47 -10.59
C THR A 206 23.03 6.17 -11.85
N GLY A 207 24.36 6.22 -11.70
CA GLY A 207 25.28 5.96 -12.81
C GLY A 207 26.44 6.92 -12.84
N THR A 208 26.64 7.57 -13.98
CA THR A 208 27.71 8.56 -14.16
C THR A 208 27.35 9.88 -13.46
N HIS A 209 26.08 10.26 -13.55
CA HIS A 209 25.58 11.49 -12.93
C HIS A 209 24.70 11.16 -11.72
N SER A 210 25.28 10.46 -10.75
CA SER A 210 24.56 9.96 -9.58
C SER A 210 24.17 11.06 -8.59
N ASN A 211 22.88 11.41 -8.58
CA ASN A 211 22.32 12.41 -7.67
C ASN A 211 20.83 12.17 -7.37
N TYR A 212 20.41 12.57 -6.18
CA TYR A 212 19.01 12.48 -5.77
C TYR A 212 18.41 13.87 -5.58
N TYR A 213 17.39 14.17 -6.38
CA TYR A 213 16.75 15.48 -6.36
C TYR A 213 15.37 15.39 -5.72
N SER A 214 15.21 16.04 -4.57
CA SER A 214 13.96 16.00 -3.80
C SER A 214 13.53 17.37 -3.29
N GLY A 215 12.27 17.46 -2.88
CA GLY A 215 11.73 18.70 -2.31
C GLY A 215 10.91 19.51 -3.30
N GLN A 216 10.77 20.80 -3.01
CA GLN A 216 10.03 21.72 -3.86
C GLN A 216 10.84 22.12 -5.10
N SER A 217 12.16 22.15 -4.94
CA SER A 217 13.07 22.52 -6.03
C SER A 217 13.57 21.31 -6.83
N ALA A 218 12.92 20.16 -6.64
CA ALA A 218 13.31 18.90 -7.27
C ALA A 218 13.37 18.95 -8.80
N ILE A 219 12.36 19.58 -9.40
CA ILE A 219 12.28 19.72 -10.86
C ILE A 219 13.27 20.77 -11.36
N THR A 220 13.37 21.88 -10.63
CA THR A 220 14.26 22.99 -10.98
C THR A 220 15.74 22.57 -10.93
N ASP A 221 16.10 21.80 -9.90
CA ASP A 221 17.47 21.32 -9.74
C ASP A 221 17.85 20.24 -10.76
N PHE A 222 16.85 19.47 -11.20
CA PHE A 222 17.06 18.44 -12.21
C PHE A 222 17.29 19.05 -13.60
N GLU A 223 16.49 20.07 -13.94
CA GLU A 223 16.57 20.73 -15.24
C GLU A 223 17.83 21.60 -15.38
N LYS A 224 18.37 22.06 -14.25
CA LYS A 224 19.59 22.86 -14.23
C LYS A 224 20.84 21.97 -14.35
N ALA A 225 20.83 20.84 -13.66
CA ALA A 225 21.94 19.88 -13.70
C ALA A 225 21.99 19.14 -15.03
N PHE A 226 20.81 18.93 -15.62
CA PHE A 226 20.69 18.30 -16.93
C PHE A 226 20.03 19.29 -17.91
N PRO A 227 20.85 20.09 -18.62
CA PRO A 227 20.32 21.03 -19.62
C PRO A 227 19.69 20.30 -20.81
N GLY A 228 18.48 20.73 -21.18
CA GLY A 228 17.72 20.06 -22.24
C GLY A 228 16.59 19.21 -21.69
N SER A 229 16.74 18.78 -20.44
CA SER A 229 15.72 18.00 -19.75
C SER A 229 14.52 18.86 -19.36
N LYS A 230 13.33 18.27 -19.41
CA LYS A 230 12.10 18.97 -19.06
C LYS A 230 11.05 18.01 -18.50
N ILE A 231 10.72 18.21 -17.22
CA ILE A 231 9.63 17.47 -16.58
C ILE A 231 8.40 18.36 -16.53
N THR A 232 7.64 18.35 -17.62
CA THR A 232 6.44 19.18 -17.75
C THR A 232 5.28 18.55 -16.96
N VAL A 233 4.75 19.32 -16.00
CA VAL A 233 3.67 18.84 -15.16
C VAL A 233 2.42 19.72 -15.30
N ASP A 234 1.33 19.09 -15.72
CA ASP A 234 0.02 19.75 -15.75
C ASP A 234 -0.81 19.20 -14.60
N ASN A 235 -0.88 19.97 -13.52
CA ASN A 235 -1.55 19.55 -12.28
C ASN A 235 -3.06 19.35 -12.42
N THR A 236 -3.67 20.16 -13.28
CA THR A 236 -5.11 20.09 -13.53
C THR A 236 -5.48 18.85 -14.35
N LYS A 237 -4.66 18.56 -15.37
CA LYS A 237 -4.91 17.42 -16.26
C LYS A 237 -4.27 16.12 -15.75
N ASN A 238 -3.48 16.23 -14.68
CA ASN A 238 -2.75 15.10 -14.08
C ASN A 238 -1.86 14.36 -15.08
N THR A 239 -1.02 15.11 -15.77
CA THR A 239 -0.10 14.54 -16.76
C THR A 239 1.34 14.99 -16.53
N ILE A 240 2.27 14.03 -16.63
CA ILE A 240 3.69 14.31 -16.47
C ILE A 240 4.44 13.92 -17.74
N ASP A 241 5.06 14.90 -18.39
CA ASP A 241 5.83 14.68 -19.61
C ASP A 241 7.32 14.84 -19.34
N VAL A 242 8.06 13.74 -19.51
CA VAL A 242 9.50 13.72 -19.22
C VAL A 242 10.31 13.61 -20.51
N THR A 243 11.23 14.55 -20.70
CA THR A 243 12.15 14.54 -21.83
C THR A 243 13.59 14.55 -21.33
N ILE A 244 14.36 13.54 -21.73
CA ILE A 244 15.76 13.42 -21.35
C ILE A 244 16.64 13.31 -22.60
N PRO A 245 17.60 14.25 -22.76
CA PRO A 245 18.57 14.21 -23.87
C PRO A 245 19.40 12.93 -23.86
N GLN A 246 19.87 12.53 -25.04
CA GLN A 246 20.63 11.28 -25.20
C GLN A 246 22.00 11.29 -24.54
N GLY A 247 22.56 12.49 -24.36
CA GLY A 247 23.86 12.66 -23.70
C GLY A 247 23.82 12.37 -22.22
N TYR A 248 22.70 12.70 -21.58
CA TYR A 248 22.51 12.46 -20.15
C TYR A 248 21.69 11.20 -19.88
N GLY A 249 20.92 10.77 -20.87
CA GLY A 249 20.13 9.54 -20.77
C GLY A 249 20.99 8.29 -20.80
N SER A 250 22.12 8.37 -21.50
CA SER A 250 23.08 7.27 -21.59
C SER A 250 23.85 7.09 -20.28
N TYR A 251 24.14 5.83 -19.94
CA TYR A 251 24.93 5.45 -18.76
C TYR A 251 24.30 5.90 -17.43
N ASN A 252 23.00 6.17 -17.43
CA ASN A 252 22.28 6.64 -16.24
C ASN A 252 20.89 6.04 -16.10
N SER A 253 20.50 5.76 -14.85
CA SER A 253 19.16 5.26 -14.54
C SER A 253 18.33 6.35 -13.88
N PHE A 254 17.12 6.56 -14.36
CA PHE A 254 16.24 7.60 -13.85
C PHE A 254 14.99 7.01 -13.19
N SER A 255 14.88 7.19 -11.88
CA SER A 255 13.72 6.73 -11.12
C SER A 255 12.88 7.92 -10.65
N ILE A 256 11.71 8.08 -11.26
CA ILE A 256 10.82 9.19 -10.92
C ILE A 256 9.63 8.72 -10.08
N ASN A 257 9.66 9.07 -8.80
CA ASN A 257 8.59 8.76 -7.86
C ASN A 257 7.57 9.91 -7.82
N TYR A 258 6.38 9.62 -7.31
CA TYR A 258 5.38 10.63 -6.95
C TYR A 258 4.15 10.03 -6.28
N LYS A 259 3.55 10.81 -5.37
CA LYS A 259 2.37 10.37 -4.64
C LYS A 259 1.11 11.07 -5.15
N THR A 260 0.02 10.30 -5.25
CA THR A 260 -1.27 10.83 -5.69
C THR A 260 -2.32 10.70 -4.59
N LYS A 261 -2.88 11.83 -4.18
CA LYS A 261 -3.90 11.88 -3.14
C LYS A 261 -5.23 11.34 -3.66
N ILE A 262 -5.79 10.37 -2.93
CA ILE A 262 -7.05 9.73 -3.30
C ILE A 262 -8.23 10.66 -3.05
N THR A 263 -8.98 10.94 -4.11
CA THR A 263 -10.19 11.77 -4.02
C THR A 263 -11.45 10.89 -3.97
N ASN A 264 -11.40 9.76 -4.65
CA ASN A 264 -12.52 8.80 -4.65
C ASN A 264 -12.21 7.60 -3.75
N GLU A 265 -12.79 7.62 -2.55
CA GLU A 265 -12.55 6.60 -1.54
C GLU A 265 -13.10 5.23 -1.91
N GLN A 266 -14.25 5.23 -2.59
CA GLN A 266 -14.95 3.98 -2.97
C GLN A 266 -14.41 3.33 -4.23
N GLN A 267 -13.48 4.00 -4.91
CA GLN A 267 -12.87 3.47 -6.14
C GLN A 267 -11.98 2.27 -5.83
N LYS A 268 -12.19 1.19 -6.58
CA LYS A 268 -11.48 -0.07 -6.35
C LYS A 268 -10.09 -0.10 -6.97
N GLU A 269 -9.94 0.52 -8.14
CA GLU A 269 -8.67 0.49 -8.86
C GLU A 269 -8.17 1.90 -9.20
N PHE A 270 -6.88 2.12 -8.96
CA PHE A 270 -6.22 3.37 -9.33
C PHE A 270 -5.21 3.13 -10.44
N VAL A 271 -5.48 3.70 -11.60
CA VAL A 271 -4.70 3.42 -12.82
C VAL A 271 -3.79 4.59 -13.19
N ASN A 272 -2.59 4.26 -13.66
CA ASN A 272 -1.66 5.23 -14.21
C ASN A 272 -1.12 4.72 -15.54
N ASN A 273 -1.18 5.57 -16.57
CA ASN A 273 -0.77 5.20 -17.92
C ASN A 273 0.42 6.00 -18.42
N SER A 274 1.28 5.36 -19.20
CA SER A 274 2.47 6.02 -19.76
C SER A 274 2.90 5.44 -21.10
N GLN A 275 3.41 6.31 -21.97
CA GLN A 275 3.95 5.92 -23.28
C GLN A 275 5.42 6.29 -23.37
N ALA A 276 6.21 5.44 -24.01
CA ALA A 276 7.67 5.62 -24.05
C ALA A 276 8.25 5.70 -25.45
N TRP A 277 9.16 6.65 -25.65
CA TRP A 277 9.92 6.79 -26.89
C TRP A 277 11.41 6.70 -26.62
N TYR A 278 12.02 5.58 -26.99
CA TYR A 278 13.45 5.35 -26.79
C TYR A 278 14.03 4.34 -27.77
N GLN A 279 15.36 4.32 -27.86
CA GLN A 279 16.08 3.32 -28.66
C GLN A 279 17.47 3.04 -28.09
N GLU A 280 17.64 1.88 -27.47
CA GLU A 280 18.95 1.40 -27.04
C GLU A 280 19.76 1.09 -28.28
N HIS A 281 21.01 1.58 -28.32
CA HIS A 281 21.87 1.36 -29.48
C HIS A 281 22.28 -0.11 -29.56
N GLY A 282 21.71 -0.81 -30.55
CA GLY A 282 21.86 -2.25 -30.68
C GLY A 282 20.52 -2.95 -30.60
N LYS A 283 19.49 -2.19 -30.19
CA LYS A 283 18.13 -2.69 -30.06
C LYS A 283 17.18 -1.94 -30.98
N GLU A 284 15.99 -2.50 -31.18
CA GLU A 284 14.96 -1.91 -32.05
C GLU A 284 14.34 -0.67 -31.40
N GLU A 285 13.92 0.28 -32.23
CA GLU A 285 13.36 1.54 -31.76
C GLU A 285 11.96 1.37 -31.20
N VAL A 286 11.76 1.87 -29.98
CA VAL A 286 10.47 1.86 -29.31
C VAL A 286 9.77 3.19 -29.55
N ASN A 287 8.60 3.14 -30.18
CA ASN A 287 7.84 4.34 -30.53
C ASN A 287 6.43 4.34 -29.95
N GLY A 288 6.30 4.89 -28.74
CA GLY A 288 5.00 5.02 -28.08
C GLY A 288 4.40 3.73 -27.58
N LYS A 289 5.24 2.88 -26.98
CA LYS A 289 4.78 1.63 -26.40
C LYS A 289 4.18 1.89 -25.02
N SER A 290 3.07 1.22 -24.72
CA SER A 290 2.35 1.40 -23.46
C SER A 290 3.00 0.65 -22.31
N PHE A 291 3.17 1.35 -21.19
CA PHE A 291 3.69 0.76 -19.95
C PHE A 291 2.81 1.21 -18.78
N ASN A 292 1.70 0.50 -18.58
CA ASN A 292 0.68 0.89 -17.61
C ASN A 292 0.75 0.07 -16.32
N HIS A 293 0.23 0.65 -15.23
CA HIS A 293 0.16 -0.05 -13.95
C HIS A 293 -1.12 0.31 -13.18
N THR A 294 -1.67 -0.68 -12.48
CA THR A 294 -2.90 -0.51 -11.72
C THR A 294 -2.71 -0.93 -10.26
N VAL A 295 -3.07 -0.04 -9.34
CA VAL A 295 -2.97 -0.32 -7.91
C VAL A 295 -4.37 -0.49 -7.31
N HIS A 296 -4.59 -1.64 -6.67
CA HIS A 296 -5.88 -1.95 -6.06
C HIS A 296 -6.03 -1.29 -4.69
N ASN A 297 -7.21 -0.77 -4.42
CA ASN A 297 -7.53 -0.12 -3.15
C ASN A 297 -7.73 -1.15 -2.04
N ILE A 298 -7.42 -0.73 -0.82
CA ILE A 298 -7.50 -1.62 0.35
C ILE A 298 -8.94 -1.83 0.82
N ASN A 299 -9.30 -3.09 1.01
CA ASN A 299 -10.63 -3.48 1.47
C ASN A 299 -10.65 -3.74 2.97
N ALA A 300 -11.57 -3.08 3.67
CA ALA A 300 -11.74 -3.26 5.11
C ALA A 300 -13.21 -3.11 5.51
N ASN A 301 -13.76 -4.16 6.11
CA ASN A 301 -15.16 -4.19 6.52
C ASN A 301 -15.35 -4.74 7.93
N ALA A 302 -16.37 -4.24 8.62
CA ALA A 302 -16.70 -4.69 9.97
C ALA A 302 -18.21 -4.66 10.20
N GLY A 303 -18.74 -5.78 10.70
CA GLY A 303 -20.16 -5.91 10.98
C GLY A 303 -20.44 -6.37 12.41
N ILE A 304 -21.65 -6.07 12.89
CA ILE A 304 -22.05 -6.41 14.26
C ILE A 304 -23.58 -6.55 14.37
N GLU A 305 -24.03 -7.61 15.03
CA GLU A 305 -25.45 -7.88 15.26
C GLU A 305 -25.77 -7.86 16.74
N GLY A 306 -27.00 -7.47 17.06
CA GLY A 306 -27.45 -7.40 18.46
C GLY A 306 -28.94 -7.15 18.60
N THR A 307 -29.50 -7.59 19.73
CA THR A 307 -30.91 -7.40 20.04
C THR A 307 -31.10 -6.29 21.07
N VAL A 308 -31.95 -5.33 20.73
CA VAL A 308 -32.22 -4.18 21.60
C VAL A 308 -33.04 -4.58 22.82
N LYS A 309 -33.92 -5.57 22.62
CA LYS A 309 -34.78 -6.13 23.68
C LYS A 309 -35.71 -5.08 24.28
#